data_8WZE
#
_entry.id   8WZE
#
_cell.length_a   1.00
_cell.length_b   1.00
_cell.length_c   1.00
_cell.angle_alpha   90.00
_cell.angle_beta   90.00
_cell.angle_gamma   90.00
#
_symmetry.space_group_name_H-M   'P 1'
#
loop_
_entity.id
_entity.type
_entity.pdbx_description
1 polymer '5B11 Fab Heavy Chain'
2 polymer '5B11 Fab Light Chain'
3 polymer 'RSV pre-fusion glycoprotein'
#
loop_
_entity_poly.entity_id
_entity_poly.type
_entity_poly.pdbx_seq_one_letter_code
_entity_poly.pdbx_strand_id
1 'polypeptide(L)'
;QIQLVQSGPELKKPGASVKISCKASGYTFTDYSMHWLKQAPGKGLKWMGWITTETGEPTYADDFKGRFAFSLDTSASTAY
LQISSLKAEDTGVYFCARYYYGPFYWGQGTLVTVSS
;
H
2 'polypeptide(L)'
;DIQMTQSPSSLSASVGDRVTITCRSSGNIHNFLTWYQQKPGKSPQFLVYNAKTLADGVPSRFSGSGSGTQFTLTISSLQP
EDFGIYYCQHFWTTPYTFGGGTKVEIK
;
L
3 'polypeptide(L)'
;TGWYTSVITIELSNIKEIKCNGTDTKVKLIKQELDKYKNAVTDLQLLMQNTPAANNRARREAPQYMNYTINTIKNLNVSI
SKKRKRRFLGFLLGVGSAICSGIAVCKVLHLEGEVNKIKNALLSTNKAVVSLSNGVSVLTFKVLDLKNYINNRLLPILNQ
QSCRIPNIETVIEFQQMNSRLLEITREFSVNAGVTTPLSTYMLTNSELLSLINDMPITNDQKKLMSSNVQIVRQQSYSIM
CIIKEEVLAYVVQLPIYGV
;
C
#
# COMPACT_ATOMS: atom_id res chain seq x y z
N GLN A 1 5.60 -8.13 -11.53
CA GLN A 1 5.43 -7.92 -12.96
C GLN A 1 4.72 -6.60 -13.24
N ILE A 2 4.69 -5.73 -12.24
CA ILE A 2 4.11 -4.41 -12.41
C ILE A 2 5.09 -3.52 -13.17
N GLN A 3 4.61 -2.92 -14.26
CA GLN A 3 5.47 -2.13 -15.14
C GLN A 3 4.89 -0.73 -15.28
N LEU A 4 5.76 0.27 -15.22
CA LEU A 4 5.40 1.67 -15.43
C LEU A 4 6.30 2.22 -16.52
N VAL A 5 5.74 2.37 -17.72
CA VAL A 5 6.49 2.85 -18.88
C VAL A 5 6.19 4.33 -19.07
N GLN A 6 7.24 5.13 -19.22
CA GLN A 6 7.13 6.57 -19.35
C GLN A 6 7.59 7.04 -20.72
N SER A 7 7.55 8.36 -20.92
CA SER A 7 7.87 8.95 -22.20
C SER A 7 9.40 9.08 -22.35
N GLY A 8 9.83 9.78 -23.40
CA GLY A 8 11.23 10.00 -23.64
C GLY A 8 11.64 11.43 -23.35
N PRO A 9 12.92 11.74 -23.54
CA PRO A 9 13.40 13.09 -23.26
C PRO A 9 12.84 14.12 -24.23
N GLU A 10 12.75 15.36 -23.74
CA GLU A 10 12.31 16.49 -24.55
C GLU A 10 13.27 17.65 -24.33
N LEU A 11 13.37 18.50 -25.36
CA LEU A 11 14.23 19.69 -25.32
C LEU A 11 13.38 20.87 -25.72
N LYS A 12 13.11 21.77 -24.77
CA LYS A 12 12.16 22.85 -24.96
C LYS A 12 12.83 24.21 -24.73
N LYS A 13 12.01 25.26 -24.73
CA LYS A 13 12.38 26.65 -24.60
C LYS A 13 11.58 27.30 -23.48
N PRO A 14 12.16 28.26 -22.74
CA PRO A 14 11.40 28.94 -21.67
C PRO A 14 10.11 29.57 -22.19
N GLY A 15 8.98 29.11 -21.65
CA GLY A 15 7.68 29.52 -22.13
C GLY A 15 6.95 28.46 -22.93
N ALA A 16 7.61 27.39 -23.33
CA ALA A 16 6.99 26.31 -24.08
C ALA A 16 6.29 25.36 -23.12
N SER A 17 5.88 24.19 -23.63
CA SER A 17 5.22 23.18 -22.81
C SER A 17 5.84 21.81 -23.06
N VAL A 18 5.75 20.96 -22.06
CA VAL A 18 6.24 19.58 -22.12
C VAL A 18 5.11 18.67 -21.69
N LYS A 19 4.88 17.60 -22.45
CA LYS A 19 3.80 16.66 -22.19
C LYS A 19 4.42 15.28 -21.97
N ILE A 20 4.45 14.83 -20.72
CA ILE A 20 5.09 13.59 -20.33
C ILE A 20 3.98 12.59 -19.98
N SER A 21 4.02 11.42 -20.61
CA SER A 21 3.04 10.36 -20.38
C SER A 21 3.67 9.22 -19.58
N CYS A 22 2.83 8.55 -18.80
CA CYS A 22 3.26 7.43 -17.97
C CYS A 22 2.20 6.35 -18.05
N LYS A 23 2.48 5.27 -18.78
CA LYS A 23 1.53 4.19 -18.98
C LYS A 23 1.77 3.10 -17.95
N ALA A 24 0.72 2.74 -17.21
CA ALA A 24 0.79 1.74 -16.15
C ALA A 24 0.09 0.47 -16.61
N SER A 25 0.87 -0.58 -16.81
CA SER A 25 0.36 -1.88 -17.21
C SER A 25 0.81 -2.94 -16.22
N GLY A 26 -0.12 -3.75 -15.74
CA GLY A 26 0.19 -4.81 -14.81
C GLY A 26 -0.78 -4.89 -13.65
N TYR A 27 -1.64 -3.88 -13.53
CA TYR A 27 -2.61 -3.83 -12.46
C TYR A 27 -3.83 -3.05 -12.93
N THR A 28 -4.94 -3.23 -12.23
CA THR A 28 -6.13 -2.44 -12.53
C THR A 28 -5.87 -0.98 -12.22
N PHE A 29 -5.94 -0.14 -13.26
CA PHE A 29 -5.49 1.24 -13.15
C PHE A 29 -6.32 2.06 -12.15
N THR A 30 -7.54 1.62 -11.85
CA THR A 30 -8.41 2.40 -10.97
C THR A 30 -7.98 2.32 -9.50
N ASP A 31 -7.37 1.21 -9.09
CA ASP A 31 -7.09 0.99 -7.67
C ASP A 31 -6.08 2.01 -7.14
N TYR A 32 -4.88 2.01 -7.69
CA TYR A 32 -3.79 2.82 -7.17
C TYR A 32 -3.74 4.18 -7.84
N SER A 33 -3.46 5.21 -7.03
CA SER A 33 -3.25 6.55 -7.54
C SER A 33 -1.81 6.69 -8.07
N MET A 34 -1.58 7.78 -8.81
CA MET A 34 -0.30 8.01 -9.45
C MET A 34 0.40 9.18 -8.77
N HIS A 35 1.63 8.96 -8.32
CA HIS A 35 2.43 9.98 -7.67
C HIS A 35 3.54 10.44 -8.61
N TRP A 36 3.80 11.75 -8.61
CA TRP A 36 4.82 12.35 -9.46
C TRP A 36 5.97 12.86 -8.60
N LEU A 37 7.20 12.57 -9.01
CA LEU A 37 8.39 12.84 -8.22
C LEU A 37 9.43 13.52 -9.11
N LYS A 38 9.74 14.78 -8.80
CA LYS A 38 10.72 15.55 -9.56
C LYS A 38 12.10 15.40 -8.92
N GLN A 39 13.10 15.07 -9.75
CA GLN A 39 14.48 15.10 -9.32
C GLN A 39 15.15 16.40 -9.77
N ALA A 40 15.76 17.09 -8.82
CA ALA A 40 16.47 18.31 -9.13
C ALA A 40 17.81 17.99 -9.77
N PRO A 41 18.38 18.94 -10.54
CA PRO A 41 19.66 18.66 -11.19
C PRO A 41 20.81 18.56 -10.19
N GLY A 42 21.27 17.33 -9.93
CA GLY A 42 22.38 17.11 -9.03
C GLY A 42 21.98 17.05 -7.57
N LYS A 43 20.79 17.55 -7.25
CA LYS A 43 20.31 17.60 -5.87
C LYS A 43 19.47 16.36 -5.57
N GLY A 44 18.77 16.39 -4.44
CA GLY A 44 17.95 15.27 -4.01
C GLY A 44 16.68 15.13 -4.83
N LEU A 45 15.68 14.50 -4.20
CA LEU A 45 14.41 14.22 -4.85
C LEU A 45 13.30 15.02 -4.19
N LYS A 46 12.33 15.44 -5.01
CA LYS A 46 11.20 16.23 -4.54
C LYS A 46 9.90 15.49 -4.87
N TRP A 47 8.90 15.66 -4.02
CA TRP A 47 7.60 15.02 -4.17
C TRP A 47 6.54 16.11 -4.33
N MET A 48 5.90 16.14 -5.50
CA MET A 48 4.91 17.15 -5.81
C MET A 48 3.51 16.82 -5.33
N GLY A 49 3.02 15.63 -5.63
CA GLY A 49 1.66 15.27 -5.27
C GLY A 49 1.24 14.01 -6.00
N TRP A 50 -0.07 13.75 -5.92
CA TRP A 50 -0.64 12.55 -6.49
C TRP A 50 -1.91 12.90 -7.26
N ILE A 51 -2.23 12.06 -8.24
CA ILE A 51 -3.48 12.15 -9.00
C ILE A 51 -4.23 10.84 -8.80
N THR A 52 -5.47 10.93 -8.33
CA THR A 52 -6.27 9.74 -8.07
C THR A 52 -6.77 9.17 -9.38
N THR A 53 -6.37 7.94 -9.69
CA THR A 53 -6.73 7.32 -10.96
C THR A 53 -8.14 6.75 -10.97
N GLU A 54 -8.96 7.10 -9.97
CA GLU A 54 -10.36 6.70 -9.93
C GLU A 54 -11.30 7.89 -10.13
N THR A 55 -11.02 9.01 -9.46
CA THR A 55 -11.83 10.20 -9.58
C THR A 55 -11.20 11.22 -10.52
N GLY A 56 -9.90 11.46 -10.37
CA GLY A 56 -9.20 12.43 -11.18
C GLY A 56 -8.90 13.75 -10.48
N GLU A 57 -9.07 13.84 -9.17
CA GLU A 57 -8.80 15.07 -8.44
C GLU A 57 -7.35 15.10 -7.99
N PRO A 58 -6.55 16.06 -8.45
CA PRO A 58 -5.14 16.11 -8.05
C PRO A 58 -4.90 16.98 -6.83
N THR A 59 -3.79 16.70 -6.15
CA THR A 59 -3.34 17.49 -5.02
C THR A 59 -1.84 17.71 -5.14
N TYR A 60 -1.39 18.92 -4.81
CA TYR A 60 -0.02 19.34 -5.02
C TYR A 60 0.62 19.76 -3.71
N ALA A 61 1.95 19.65 -3.66
CA ALA A 61 2.70 20.20 -2.55
C ALA A 61 2.77 21.72 -2.66
N ASP A 62 3.07 22.37 -1.53
CA ASP A 62 3.06 23.82 -1.49
C ASP A 62 4.12 24.46 -2.39
N ASP A 63 5.13 23.69 -2.81
CA ASP A 63 6.19 24.21 -3.65
C ASP A 63 5.91 24.04 -5.15
N PHE A 64 4.94 23.19 -5.51
CA PHE A 64 4.69 22.83 -6.90
C PHE A 64 3.30 23.27 -7.36
N LYS A 65 2.90 24.50 -7.02
CA LYS A 65 1.62 25.05 -7.41
C LYS A 65 1.81 26.23 -8.35
N GLY A 66 0.92 26.34 -9.33
CA GLY A 66 0.91 27.48 -10.23
C GLY A 66 1.17 27.14 -11.68
N ARG A 67 2.09 26.22 -11.95
CA ARG A 67 2.46 25.86 -13.31
C ARG A 67 2.31 24.39 -13.63
N PHE A 68 2.10 23.53 -12.63
CA PHE A 68 2.06 22.09 -12.82
C PHE A 68 0.63 21.57 -12.65
N ALA A 69 0.20 20.75 -13.59
CA ALA A 69 -1.14 20.18 -13.54
C ALA A 69 -1.07 18.72 -13.97
N PHE A 70 -1.70 17.85 -13.19
CA PHE A 70 -1.76 16.43 -13.50
C PHE A 70 -3.05 16.09 -14.25
N SER A 71 -2.96 15.12 -15.15
CA SER A 71 -4.12 14.67 -15.90
C SER A 71 -3.90 13.22 -16.30
N LEU A 72 -4.99 12.55 -16.65
CA LEU A 72 -4.92 11.14 -17.01
C LEU A 72 -6.09 10.79 -17.91
N ASP A 73 -5.96 9.67 -18.61
CA ASP A 73 -7.02 9.11 -19.44
C ASP A 73 -7.17 7.65 -19.02
N THR A 74 -8.18 7.38 -18.17
CA THR A 74 -8.30 6.06 -17.56
C THR A 74 -8.54 4.95 -18.57
N SER A 75 -9.10 5.27 -19.74
CA SER A 75 -9.32 4.24 -20.76
C SER A 75 -8.01 3.73 -21.35
N ALA A 76 -7.04 4.62 -21.56
CA ALA A 76 -5.77 4.25 -22.16
C ALA A 76 -4.73 3.83 -21.14
N SER A 77 -5.03 3.90 -19.85
CA SER A 77 -4.11 3.53 -18.78
C SER A 77 -2.81 4.33 -18.87
N THR A 78 -2.96 5.65 -18.96
CA THR A 78 -1.83 6.56 -19.03
C THR A 78 -2.02 7.72 -18.07
N ALA A 79 -0.90 8.24 -17.56
CA ALA A 79 -0.90 9.40 -16.69
C ALA A 79 -0.10 10.50 -17.36
N TYR A 80 -0.63 11.73 -17.31
CA TYR A 80 -0.07 12.83 -18.09
C TYR A 80 0.45 13.91 -17.15
N LEU A 81 1.57 14.51 -17.53
CA LEU A 81 2.16 15.63 -16.81
C LEU A 81 2.42 16.76 -17.80
N GLN A 82 1.74 17.88 -17.62
CA GLN A 82 1.90 19.05 -18.47
C GLN A 82 2.54 20.17 -17.67
N ILE A 83 3.62 20.72 -18.18
CA ILE A 83 4.32 21.85 -17.56
C ILE A 83 4.13 23.04 -18.49
N SER A 84 3.47 24.08 -17.99
CA SER A 84 3.23 25.30 -18.75
C SER A 84 3.93 26.47 -18.08
N SER A 85 4.18 27.53 -18.87
CA SER A 85 4.94 28.70 -18.45
C SER A 85 6.31 28.29 -17.91
N LEU A 86 7.10 27.70 -18.82
CA LEU A 86 8.36 27.08 -18.45
C LEU A 86 9.37 28.12 -17.96
N LYS A 87 10.35 27.62 -17.20
CA LYS A 87 11.48 28.41 -16.74
C LYS A 87 12.74 27.56 -16.87
N ALA A 88 13.87 28.02 -16.31
CA ALA A 88 15.15 27.33 -16.64
C ALA A 88 15.65 26.34 -15.59
N GLU A 89 14.92 26.10 -14.51
CA GLU A 89 15.33 25.04 -13.57
C GLU A 89 14.22 23.99 -13.51
N ASP A 90 13.16 24.10 -14.32
CA ASP A 90 12.16 23.02 -14.36
C ASP A 90 12.92 21.83 -14.90
N THR A 91 14.16 22.04 -15.30
CA THR A 91 14.97 20.97 -15.89
C THR A 91 15.20 19.86 -14.87
N GLY A 92 15.54 18.65 -15.33
CA GLY A 92 15.83 17.51 -14.48
C GLY A 92 15.13 16.27 -15.00
N VAL A 93 14.87 15.34 -14.07
CA VAL A 93 14.25 14.06 -14.39
C VAL A 93 12.95 13.95 -13.61
N TYR A 94 11.92 13.42 -14.27
CA TYR A 94 10.58 13.35 -13.71
C TYR A 94 10.13 11.88 -13.64
N PHE A 95 9.57 11.50 -12.50
CA PHE A 95 9.15 10.12 -12.26
C PHE A 95 7.67 10.05 -11.93
N CYS A 96 7.05 8.94 -12.33
CA CYS A 96 5.70 8.58 -11.91
C CYS A 96 5.78 7.35 -11.02
N ALA A 97 5.10 7.39 -9.88
CA ALA A 97 5.26 6.35 -8.87
C ALA A 97 3.92 5.96 -8.28
N ARG A 98 3.86 4.72 -7.80
CA ARG A 98 2.68 4.17 -7.14
C ARG A 98 3.10 3.46 -5.87
N TYR A 99 2.13 3.28 -4.96
CA TYR A 99 2.41 2.64 -3.68
C TYR A 99 2.61 1.14 -3.84
N TYR A 100 3.74 0.63 -3.35
CA TYR A 100 3.91 -0.78 -3.08
C TYR A 100 3.52 -1.03 -1.62
N TYR A 101 3.85 -2.20 -1.08
CA TYR A 101 3.58 -2.47 0.34
C TYR A 101 4.52 -1.58 1.15
N GLY A 102 4.13 -0.32 1.31
CA GLY A 102 5.00 0.66 1.92
C GLY A 102 5.55 1.65 0.91
N PRO A 103 6.82 1.46 0.52
CA PRO A 103 7.50 2.45 -0.31
C PRO A 103 6.97 2.54 -1.73
N PHE A 104 7.58 3.40 -2.53
CA PHE A 104 7.12 3.68 -3.89
C PHE A 104 7.67 2.67 -4.88
N TYR A 105 6.97 2.54 -6.01
CA TYR A 105 7.47 1.85 -7.19
C TYR A 105 7.63 2.91 -8.27
N TRP A 106 8.85 3.03 -8.80
CA TRP A 106 9.22 4.17 -9.62
C TRP A 106 9.24 3.80 -11.11
N GLY A 107 8.91 4.78 -11.94
CA GLY A 107 9.06 4.65 -13.37
C GLY A 107 10.47 4.94 -13.82
N GLN A 108 10.64 5.05 -15.13
CA GLN A 108 11.94 5.33 -15.71
C GLN A 108 12.15 6.85 -15.77
N GLY A 109 13.20 7.29 -16.47
CA GLY A 109 13.55 8.69 -16.52
C GLY A 109 13.17 9.36 -17.82
N THR A 110 12.48 10.49 -17.71
CA THR A 110 12.16 11.36 -18.85
C THR A 110 12.83 12.70 -18.58
N LEU A 111 14.08 12.82 -19.02
CA LEU A 111 14.88 14.01 -18.76
C LEU A 111 14.29 15.19 -19.53
N VAL A 112 14.11 16.31 -18.84
CA VAL A 112 13.60 17.54 -19.45
C VAL A 112 14.76 18.53 -19.50
N THR A 113 15.09 18.99 -20.70
CA THR A 113 16.21 19.89 -20.93
C THR A 113 15.67 21.24 -21.42
N VAL A 114 15.98 22.30 -20.69
CA VAL A 114 15.59 23.65 -21.06
C VAL A 114 16.80 24.35 -21.66
N SER A 115 16.68 24.77 -22.92
CA SER A 115 17.73 25.48 -23.64
C SER A 115 17.38 26.97 -23.70
N SER A 116 18.19 27.73 -24.44
CA SER A 116 17.95 29.16 -24.63
C SER A 116 18.02 29.53 -26.10
N ASP B 1 5.79 19.64 8.37
CA ASP B 1 6.41 18.68 7.47
C ASP B 1 7.65 18.06 8.12
N ILE B 2 7.66 16.74 8.22
CA ILE B 2 8.78 16.02 8.83
C ILE B 2 9.95 16.06 7.87
N GLN B 3 11.06 16.66 8.30
CA GLN B 3 12.24 16.86 7.47
C GLN B 3 13.33 15.90 7.89
N MET B 4 13.92 15.22 6.92
CA MET B 4 14.91 14.18 7.18
C MET B 4 16.31 14.64 6.79
N THR B 5 17.30 14.06 7.44
CA THR B 5 18.70 14.37 7.18
C THR B 5 19.55 13.12 7.34
N GLN B 6 20.70 13.12 6.69
CA GLN B 6 21.66 12.03 6.77
C GLN B 6 23.03 12.59 7.15
N SER B 7 23.68 11.94 8.12
CA SER B 7 24.97 12.41 8.60
C SER B 7 26.08 12.11 7.59
N PRO B 8 26.28 10.85 7.14
CA PRO B 8 27.39 10.64 6.19
C PRO B 8 27.01 10.92 4.75
N SER B 9 27.00 12.20 4.39
CA SER B 9 26.65 12.60 3.04
C SER B 9 27.65 12.13 1.99
N SER B 10 28.89 11.88 2.39
CA SER B 10 29.93 11.36 1.50
C SER B 10 30.63 10.21 2.20
N LEU B 11 30.31 8.99 1.81
CA LEU B 11 30.85 7.79 2.45
C LEU B 11 31.70 7.02 1.46
N SER B 12 32.91 6.65 1.87
CA SER B 12 33.84 5.90 1.03
C SER B 12 34.36 4.73 1.85
N ALA B 13 33.84 3.53 1.57
CA ALA B 13 34.22 2.31 2.26
C ALA B 13 35.01 1.40 1.34
N SER B 14 35.67 0.41 1.94
CA SER B 14 36.45 -0.56 1.20
C SER B 14 35.52 -1.67 0.69
N VAL B 15 36.12 -2.76 0.19
CA VAL B 15 35.33 -3.85 -0.37
C VAL B 15 34.87 -4.84 0.70
N GLY B 16 35.22 -4.63 1.96
CA GLY B 16 34.81 -5.53 3.02
C GLY B 16 34.40 -4.85 4.30
N ASP B 17 33.87 -3.64 4.19
CA ASP B 17 33.50 -2.84 5.36
C ASP B 17 32.05 -3.06 5.75
N ARG B 18 31.73 -2.67 6.99
CA ARG B 18 30.37 -2.70 7.52
C ARG B 18 30.01 -1.27 7.90
N VAL B 19 29.18 -0.62 7.09
CA VAL B 19 28.89 0.79 7.24
C VAL B 19 27.49 0.98 7.78
N THR B 20 27.25 2.18 8.33
CA THR B 20 25.95 2.55 8.88
C THR B 20 25.54 3.90 8.31
N ILE B 21 24.32 3.97 7.80
CA ILE B 21 23.73 5.21 7.28
C ILE B 21 22.49 5.51 8.12
N THR B 22 22.43 6.70 8.70
CA THR B 22 21.41 7.06 9.66
C THR B 22 20.58 8.23 9.18
N CYS B 23 19.38 8.36 9.74
CA CYS B 23 18.53 9.51 9.49
C CYS B 23 17.88 9.96 10.79
N ARG B 24 17.58 11.26 10.86
CA ARG B 24 16.80 11.86 11.92
C ARG B 24 15.45 12.31 11.35
N SER B 25 14.66 12.99 12.16
CA SER B 25 13.38 13.51 11.71
C SER B 25 12.93 14.61 12.65
N SER B 26 12.40 15.70 12.07
CA SER B 26 11.86 16.77 12.90
C SER B 26 10.67 16.31 13.71
N GLY B 27 9.81 15.48 13.14
CA GLY B 27 8.69 14.92 13.86
C GLY B 27 8.90 13.44 14.17
N ASN B 28 7.86 12.78 14.67
CA ASN B 28 7.93 11.38 15.05
C ASN B 28 7.21 10.54 14.02
N ILE B 29 7.89 9.54 13.47
CA ILE B 29 7.32 8.60 12.52
C ILE B 29 7.42 7.20 13.11
N HIS B 30 6.28 6.51 13.16
CA HIS B 30 6.18 5.22 13.85
C HIS B 30 6.63 4.09 12.93
N ASN B 31 7.95 3.87 12.90
CA ASN B 31 8.56 2.74 12.20
C ASN B 31 8.22 2.75 10.71
N PHE B 32 8.06 3.94 10.14
CA PHE B 32 7.69 4.08 8.73
C PHE B 32 8.86 4.73 8.01
N LEU B 33 9.80 3.90 7.55
CA LEU B 33 10.98 4.35 6.85
C LEU B 33 11.34 3.34 5.76
N THR B 34 11.84 3.85 4.63
CA THR B 34 12.29 3.01 3.54
C THR B 34 13.55 3.62 2.94
N TRP B 35 14.36 2.75 2.35
CA TRP B 35 15.66 3.14 1.77
C TRP B 35 15.64 2.86 0.28
N TYR B 36 16.05 3.84 -0.51
CA TYR B 36 16.17 3.70 -1.94
C TYR B 36 17.64 3.70 -2.36
N GLN B 37 17.93 2.96 -3.42
CA GLN B 37 19.28 2.82 -3.97
C GLN B 37 19.25 3.28 -5.43
N GLN B 38 19.47 4.57 -5.65
CA GLN B 38 19.41 5.14 -6.99
C GLN B 38 20.78 4.96 -7.66
N LYS B 39 20.83 4.10 -8.67
CA LYS B 39 22.03 3.98 -9.48
C LYS B 39 22.19 5.23 -10.35
N PRO B 40 23.41 5.49 -10.83
CA PRO B 40 23.69 6.76 -11.47
C PRO B 40 23.21 6.89 -12.91
N GLY B 41 22.04 7.52 -13.05
CA GLY B 41 21.37 7.59 -14.33
C GLY B 41 20.22 6.61 -14.48
N LYS B 42 19.69 6.09 -13.38
CA LYS B 42 18.58 5.14 -13.41
C LYS B 42 17.60 5.53 -12.32
N SER B 43 16.62 4.65 -12.11
CA SER B 43 15.51 4.83 -11.18
C SER B 43 15.86 4.22 -9.82
N PRO B 44 15.40 4.82 -8.72
CA PRO B 44 15.76 4.31 -7.38
C PRO B 44 14.88 3.13 -7.00
N GLN B 45 15.51 1.98 -6.80
CA GLN B 45 14.83 0.79 -6.31
C GLN B 45 14.95 0.73 -4.79
N PHE B 46 13.85 0.41 -4.13
CA PHE B 46 13.90 0.27 -2.68
C PHE B 46 14.64 -1.01 -2.30
N LEU B 47 15.10 -1.06 -1.06
CA LEU B 47 15.75 -2.23 -0.49
C LEU B 47 15.03 -2.74 0.75
N VAL B 48 14.34 -1.85 1.46
CA VAL B 48 13.74 -2.14 2.76
C VAL B 48 12.27 -1.76 2.73
N TYR B 49 11.41 -2.69 3.17
CA TYR B 49 9.99 -2.40 3.26
C TYR B 49 9.68 -1.44 4.40
N ASN B 50 9.74 -1.93 5.64
CA ASN B 50 9.67 -1.05 6.79
C ASN B 50 11.01 -1.14 7.50
N ALA B 51 11.24 -0.29 8.50
CA ALA B 51 12.60 -0.01 8.95
C ALA B 51 13.36 -1.25 9.40
N LYS B 52 12.67 -2.40 9.55
CA LYS B 52 13.32 -3.64 9.94
C LYS B 52 12.86 -4.82 9.09
N THR B 53 12.79 -4.64 7.77
CA THR B 53 12.41 -5.70 6.85
C THR B 53 13.01 -5.46 5.48
N LEU B 54 13.95 -6.33 5.09
CA LEU B 54 14.53 -6.27 3.76
C LEU B 54 13.48 -6.63 2.69
N ALA B 55 13.57 -5.97 1.55
CA ALA B 55 12.62 -6.20 0.47
C ALA B 55 12.94 -7.50 -0.25
N ASP B 56 11.93 -8.01 -0.97
CA ASP B 56 12.11 -9.22 -1.75
C ASP B 56 13.08 -8.97 -2.90
N GLY B 57 13.97 -9.93 -3.13
CA GLY B 57 15.00 -9.78 -4.15
C GLY B 57 16.19 -8.96 -3.73
N VAL B 58 16.24 -8.52 -2.49
CA VAL B 58 17.34 -7.71 -1.95
C VAL B 58 18.22 -8.61 -1.11
N PRO B 59 19.55 -8.54 -1.24
CA PRO B 59 20.42 -9.42 -0.46
C PRO B 59 20.21 -9.23 1.04
N SER B 60 20.34 -10.33 1.78
CA SER B 60 20.16 -10.29 3.22
C SER B 60 21.23 -9.46 3.92
N ARG B 61 22.31 -9.12 3.21
CA ARG B 61 23.34 -8.27 3.79
C ARG B 61 22.78 -6.92 4.21
N PHE B 62 21.77 -6.43 3.48
CA PHE B 62 21.11 -5.19 3.85
C PHE B 62 20.16 -5.42 5.01
N SER B 63 20.23 -4.55 6.02
CA SER B 63 19.36 -4.65 7.18
C SER B 63 19.25 -3.28 7.83
N GLY B 64 18.06 -2.98 8.33
CA GLY B 64 17.82 -1.72 9.02
C GLY B 64 17.29 -1.99 10.41
N SER B 65 17.43 -0.97 11.27
CA SER B 65 16.96 -1.06 12.64
C SER B 65 16.74 0.34 13.19
N GLY B 66 15.66 0.53 13.90
CA GLY B 66 15.36 1.80 14.54
C GLY B 66 13.89 2.13 14.47
N SER B 67 13.48 3.03 15.35
CA SER B 67 12.10 3.51 15.38
C SER B 67 12.07 4.86 16.09
N GLY B 68 10.99 5.61 15.86
CA GLY B 68 10.85 6.90 16.49
C GLY B 68 11.46 8.04 15.70
N THR B 69 12.67 8.44 16.09
CA THR B 69 13.35 9.56 15.45
C THR B 69 14.81 9.26 15.11
N GLN B 70 15.21 7.99 15.16
CA GLN B 70 16.59 7.62 14.84
C GLN B 70 16.58 6.25 14.18
N PHE B 71 17.12 6.17 12.97
CA PHE B 71 17.15 4.94 12.19
C PHE B 71 18.55 4.70 11.68
N THR B 72 18.78 3.52 11.11
CA THR B 72 20.10 3.13 10.65
C THR B 72 19.96 2.03 9.60
N LEU B 73 20.69 2.17 8.49
CA LEU B 73 20.79 1.11 7.50
C LEU B 73 22.19 0.49 7.57
N THR B 74 22.24 -0.83 7.59
CA THR B 74 23.48 -1.56 7.83
C THR B 74 23.72 -2.49 6.65
N ILE B 75 24.94 -2.44 6.11
CA ILE B 75 25.40 -3.41 5.12
C ILE B 75 26.36 -4.37 5.82
N SER B 76 26.02 -5.66 5.80
CA SER B 76 26.83 -6.64 6.53
C SER B 76 28.24 -6.72 5.98
N SER B 77 28.38 -6.78 4.66
CA SER B 77 29.69 -6.83 4.03
C SER B 77 29.54 -6.33 2.59
N LEU B 78 30.19 -5.21 2.28
CA LEU B 78 30.03 -4.59 0.98
C LEU B 78 30.58 -5.47 -0.13
N GLN B 79 29.97 -5.34 -1.31
CA GLN B 79 30.42 -6.04 -2.51
C GLN B 79 30.44 -5.05 -3.66
N PRO B 80 31.28 -5.29 -4.67
CA PRO B 80 31.41 -4.32 -5.78
C PRO B 80 30.14 -4.10 -6.58
N GLU B 81 29.19 -5.01 -6.55
CA GLU B 81 27.95 -4.85 -7.30
C GLU B 81 27.01 -3.82 -6.68
N ASP B 82 27.31 -3.33 -5.48
CA ASP B 82 26.45 -2.41 -4.75
C ASP B 82 27.19 -1.09 -4.53
N PHE B 83 26.92 -0.11 -5.39
CA PHE B 83 27.45 1.25 -5.21
C PHE B 83 26.50 2.23 -5.85
N GLY B 84 26.21 3.32 -5.15
CA GLY B 84 25.31 4.33 -5.67
C GLY B 84 25.01 5.43 -4.67
N ILE B 85 23.81 6.00 -4.75
CA ILE B 85 23.37 7.05 -3.85
C ILE B 85 22.15 6.53 -3.10
N TYR B 86 22.20 6.63 -1.77
CA TYR B 86 21.17 6.07 -0.90
C TYR B 86 20.32 7.19 -0.31
N TYR B 87 19.01 7.05 -0.41
CA TYR B 87 18.06 7.99 0.15
C TYR B 87 17.12 7.26 1.09
N CYS B 88 16.80 7.91 2.21
CA CYS B 88 15.84 7.39 3.17
C CYS B 88 14.64 8.32 3.22
N GLN B 89 13.45 7.75 3.02
CA GLN B 89 12.23 8.54 2.85
C GLN B 89 11.14 7.99 3.75
N HIS B 90 10.62 8.84 4.63
CA HIS B 90 9.46 8.48 5.44
C HIS B 90 8.21 8.48 4.58
N PHE B 91 7.27 7.60 4.94
CA PHE B 91 5.94 7.61 4.32
C PHE B 91 4.85 7.57 5.39
N TRP B 92 5.10 8.20 6.54
CA TRP B 92 4.07 8.30 7.57
C TRP B 92 2.92 9.19 7.11
N THR B 93 3.23 10.39 6.60
CA THR B 93 2.22 11.33 6.17
C THR B 93 2.78 12.20 5.06
N THR B 94 1.87 12.78 4.27
CA THR B 94 2.17 13.69 3.18
C THR B 94 2.46 15.09 3.71
N PRO B 95 3.38 15.84 3.08
CA PRO B 95 4.19 15.47 1.91
C PRO B 95 5.39 14.60 2.29
N TYR B 96 5.84 13.73 1.39
CA TYR B 96 6.98 12.88 1.67
C TYR B 96 8.28 13.61 1.36
N THR B 97 9.25 13.48 2.26
CA THR B 97 10.54 14.13 2.11
C THR B 97 11.65 13.09 2.17
N PHE B 98 12.63 13.25 1.31
CA PHE B 98 13.77 12.36 1.23
C PHE B 98 14.94 12.92 2.02
N GLY B 99 15.93 12.07 2.26
CA GLY B 99 17.14 12.49 2.92
C GLY B 99 18.05 13.27 1.99
N GLY B 100 19.17 13.71 2.55
CA GLY B 100 20.15 14.44 1.76
C GLY B 100 20.82 13.61 0.69
N GLY B 101 20.84 12.29 0.85
CA GLY B 101 21.46 11.41 -0.12
C GLY B 101 22.88 11.07 0.24
N THR B 102 23.16 9.79 0.47
CA THR B 102 24.49 9.32 0.83
C THR B 102 25.12 8.66 -0.40
N LYS B 103 26.22 9.25 -0.87
CA LYS B 103 26.94 8.71 -2.03
C LYS B 103 27.98 7.73 -1.52
N VAL B 104 27.62 6.44 -1.51
CA VAL B 104 28.52 5.40 -1.03
C VAL B 104 29.62 5.20 -2.07
N GLU B 105 30.82 5.67 -1.76
CA GLU B 105 31.94 5.54 -2.67
C GLU B 105 32.71 4.25 -2.39
N ILE B 106 33.86 4.09 -3.04
CA ILE B 106 34.72 2.93 -2.86
C ILE B 106 36.10 3.41 -2.45
N LYS B 107 36.65 2.79 -1.41
CA LYS B 107 37.97 3.17 -0.91
C LYS B 107 39.07 2.63 -1.83
N THR C 1 -19.46 1.44 27.98
CA THR C 1 -19.19 2.88 28.05
C THR C 1 -18.33 3.34 26.89
N GLY C 2 -17.44 2.47 26.43
CA GLY C 2 -16.53 2.82 25.34
C GLY C 2 -16.40 1.68 24.36
N TRP C 3 -16.13 2.05 23.10
CA TRP C 3 -15.89 1.09 22.05
C TRP C 3 -14.39 0.84 21.89
N TYR C 4 -14.05 -0.05 20.95
CA TYR C 4 -12.66 -0.31 20.58
C TYR C 4 -12.66 -0.68 19.10
N THR C 5 -12.36 0.30 18.25
CA THR C 5 -12.44 0.13 16.80
C THR C 5 -11.21 -0.61 16.30
N SER C 6 -11.38 -1.87 15.90
CA SER C 6 -10.34 -2.61 15.23
C SER C 6 -10.52 -2.47 13.71
N VAL C 7 -9.55 -2.98 12.95
CA VAL C 7 -9.62 -2.97 11.49
C VAL C 7 -9.36 -4.38 11.01
N ILE C 8 -10.29 -4.92 10.22
CA ILE C 8 -10.21 -6.27 9.70
C ILE C 8 -10.08 -6.17 8.18
N THR C 9 -9.01 -6.73 7.64
CA THR C 9 -8.70 -6.59 6.22
C THR C 9 -8.71 -7.95 5.53
N ILE C 10 -9.04 -7.92 4.24
CA ILE C 10 -9.00 -9.11 3.38
C ILE C 10 -8.25 -8.74 2.12
N GLU C 11 -7.29 -9.58 1.73
CA GLU C 11 -6.50 -9.34 0.53
C GLU C 11 -7.33 -9.78 -0.68
N LEU C 12 -7.89 -8.81 -1.39
CA LEU C 12 -8.79 -9.07 -2.51
C LEU C 12 -8.06 -8.77 -3.81
N SER C 13 -7.81 -9.81 -4.61
CA SER C 13 -7.21 -9.61 -5.91
C SER C 13 -8.26 -9.21 -6.94
N ASN C 14 -7.80 -8.77 -8.10
CA ASN C 14 -8.66 -8.43 -9.23
C ASN C 14 -8.18 -9.22 -10.44
N ILE C 15 -9.00 -10.16 -10.89
CA ILE C 15 -8.64 -11.07 -11.99
C ILE C 15 -9.56 -10.79 -13.16
N LYS C 16 -8.97 -10.56 -14.33
CA LYS C 16 -9.75 -10.37 -15.54
C LYS C 16 -10.38 -11.69 -15.97
N GLU C 17 -11.42 -11.59 -16.79
CA GLU C 17 -12.12 -12.80 -17.24
C GLU C 17 -11.17 -13.72 -17.98
N ILE C 18 -11.15 -14.98 -17.58
CA ILE C 18 -10.25 -15.97 -18.18
C ILE C 18 -10.79 -16.37 -19.54
N LYS C 19 -9.94 -16.26 -20.56
CA LYS C 19 -10.32 -16.60 -21.93
C LYS C 19 -10.36 -18.09 -22.19
N CYS C 20 -10.31 -18.92 -21.15
CA CYS C 20 -10.38 -20.36 -21.30
C CYS C 20 -11.66 -20.79 -22.00
N ASN C 21 -11.52 -21.71 -22.95
CA ASN C 21 -12.65 -22.35 -23.61
C ASN C 21 -12.63 -23.82 -23.21
N GLY C 22 -13.23 -24.13 -22.07
CA GLY C 22 -13.19 -25.48 -21.53
C GLY C 22 -14.55 -26.10 -21.33
N THR C 23 -14.74 -27.30 -21.87
CA THR C 23 -15.99 -28.02 -21.73
C THR C 23 -16.01 -28.94 -20.51
N ASP C 24 -14.91 -29.04 -19.78
CA ASP C 24 -14.87 -29.89 -18.60
C ASP C 24 -15.69 -29.27 -17.47
N THR C 25 -16.38 -30.12 -16.71
CA THR C 25 -17.23 -29.64 -15.62
C THR C 25 -16.43 -29.01 -14.50
N LYS C 26 -15.23 -29.53 -14.21
CA LYS C 26 -14.40 -28.94 -13.16
C LYS C 26 -13.89 -27.56 -13.53
N VAL C 27 -13.61 -27.31 -14.80
CA VAL C 27 -13.25 -25.96 -15.24
C VAL C 27 -14.44 -25.02 -15.09
N LYS C 28 -15.63 -25.50 -15.48
CA LYS C 28 -16.83 -24.67 -15.37
C LYS C 28 -17.20 -24.37 -13.93
N LEU C 29 -16.97 -25.29 -13.01
CA LEU C 29 -17.24 -25.01 -11.59
C LEU C 29 -16.35 -23.90 -11.07
N ILE C 30 -15.06 -23.94 -11.40
CA ILE C 30 -14.15 -22.89 -10.96
C ILE C 30 -14.48 -21.57 -11.64
N LYS C 31 -14.90 -21.62 -12.91
CA LYS C 31 -15.33 -20.40 -13.58
C LYS C 31 -16.59 -19.81 -12.95
N GLN C 32 -17.54 -20.64 -12.56
CA GLN C 32 -18.72 -20.15 -11.84
C GLN C 32 -18.34 -19.53 -10.51
N GLU C 33 -17.43 -20.18 -9.77
CA GLU C 33 -16.96 -19.61 -8.51
C GLU C 33 -16.25 -18.27 -8.72
N LEU C 34 -15.44 -18.17 -9.77
CA LEU C 34 -14.75 -16.91 -10.06
C LEU C 34 -15.72 -15.82 -10.48
N ASP C 35 -16.75 -16.17 -11.25
CA ASP C 35 -17.77 -15.18 -11.60
C ASP C 35 -18.60 -14.75 -10.41
N LYS C 36 -18.80 -15.64 -9.44
CA LYS C 36 -19.43 -15.24 -8.18
C LYS C 36 -18.52 -14.36 -7.34
N TYR C 37 -17.22 -14.64 -7.33
CA TYR C 37 -16.26 -13.83 -6.59
C TYR C 37 -16.14 -12.42 -7.17
N LYS C 38 -16.02 -12.32 -8.50
CA LYS C 38 -15.92 -11.03 -9.14
C LYS C 38 -17.20 -10.21 -8.96
N ASN C 39 -18.37 -10.86 -9.05
CA ASN C 39 -19.61 -10.18 -8.74
C ASN C 39 -19.71 -9.75 -7.29
N ALA C 40 -19.20 -10.54 -6.36
CA ALA C 40 -19.14 -10.12 -4.96
C ALA C 40 -18.27 -8.88 -4.79
N VAL C 41 -17.10 -8.86 -5.44
CA VAL C 41 -16.23 -7.69 -5.36
C VAL C 41 -16.91 -6.47 -5.97
N THR C 42 -17.57 -6.64 -7.12
CA THR C 42 -18.25 -5.54 -7.78
C THR C 42 -19.38 -5.00 -6.91
N ASP C 43 -20.19 -5.88 -6.31
CA ASP C 43 -21.25 -5.45 -5.42
C ASP C 43 -20.71 -4.78 -4.17
N LEU C 44 -19.59 -5.25 -3.63
CA LEU C 44 -18.97 -4.59 -2.49
C LEU C 44 -18.49 -3.19 -2.85
N GLN C 45 -17.90 -3.03 -4.04
CA GLN C 45 -17.51 -1.71 -4.50
C GLN C 45 -18.73 -0.80 -4.68
N LEU C 46 -19.84 -1.35 -5.18
CA LEU C 46 -21.03 -0.54 -5.43
C LEU C 46 -21.67 -0.02 -4.15
N LEU C 47 -21.37 -0.60 -2.99
CA LEU C 47 -21.99 -0.14 -1.76
C LEU C 47 -21.43 1.20 -1.30
N MET C 48 -20.11 1.38 -1.35
CA MET C 48 -19.51 2.59 -0.83
C MET C 48 -19.90 3.83 -1.64
N GLN C 49 -19.95 3.71 -2.96
CA GLN C 49 -20.31 4.84 -3.81
C GLN C 49 -21.82 4.90 -4.00
N SER C 97 -26.33 7.67 17.41
CA SER C 97 -25.72 6.73 16.47
C SER C 97 -24.50 6.06 17.08
N ALA C 98 -24.45 4.73 16.96
CA ALA C 98 -23.34 3.95 17.49
C ALA C 98 -22.25 3.69 16.46
N ILE C 99 -22.39 4.22 15.25
CA ILE C 99 -21.41 4.00 14.19
C ILE C 99 -20.52 5.21 13.95
N CYS C 100 -20.68 6.28 14.73
CA CYS C 100 -19.86 7.47 14.53
C CYS C 100 -18.39 7.20 14.84
N SER C 101 -18.11 6.26 15.74
CA SER C 101 -16.74 5.91 16.06
C SER C 101 -16.11 4.98 15.04
N GLY C 102 -16.92 4.35 14.19
CA GLY C 102 -16.40 3.47 13.16
C GLY C 102 -16.34 4.14 11.82
N ILE C 103 -17.21 5.12 11.59
CA ILE C 103 -17.15 5.92 10.38
C ILE C 103 -15.91 6.81 10.39
N ALA C 104 -15.56 7.35 11.56
CA ALA C 104 -14.35 8.18 11.67
C ALA C 104 -13.10 7.43 11.25
N VAL C 105 -13.06 6.11 11.45
CA VAL C 105 -11.95 5.32 10.93
C VAL C 105 -12.13 5.01 9.45
N CYS C 106 -13.37 4.96 8.97
CA CYS C 106 -13.61 4.78 7.53
C CYS C 106 -13.12 5.99 6.74
N LYS C 107 -13.20 7.18 7.31
CA LYS C 107 -12.73 8.40 6.65
C LYS C 107 -11.24 8.65 6.82
N VAL C 108 -10.63 8.11 7.89
CA VAL C 108 -9.19 8.18 8.02
C VAL C 108 -8.52 7.34 6.95
N LEU C 109 -9.10 6.17 6.65
CA LEU C 109 -8.60 5.33 5.57
C LEU C 109 -8.91 5.90 4.20
N HIS C 110 -9.74 6.94 4.11
CA HIS C 110 -10.04 7.62 2.85
C HIS C 110 -8.89 8.51 2.38
N LEU C 111 -7.87 8.71 3.22
CA LEU C 111 -6.75 9.54 2.87
C LEU C 111 -5.72 8.74 2.07
N GLU C 112 -5.01 9.43 1.19
CA GLU C 112 -3.95 8.81 0.40
C GLU C 112 -2.72 8.67 1.27
N GLY C 113 -2.32 7.44 1.56
CA GLY C 113 -1.24 7.17 2.46
C GLY C 113 -1.64 6.62 3.81
N GLU C 114 -2.79 5.95 3.89
CA GLU C 114 -3.22 5.29 5.12
C GLU C 114 -3.54 3.82 4.94
N VAL C 115 -3.88 3.37 3.74
CA VAL C 115 -4.13 1.95 3.51
C VAL C 115 -2.83 1.20 3.21
N ASN C 116 -1.84 1.86 2.62
CA ASN C 116 -0.57 1.21 2.38
C ASN C 116 0.25 1.02 3.64
N LYS C 117 0.06 1.88 4.65
CA LYS C 117 0.69 1.66 5.95
C LYS C 117 0.06 0.47 6.66
N ILE C 118 -1.26 0.32 6.56
CA ILE C 118 -1.92 -0.87 7.09
C ILE C 118 -1.43 -2.12 6.36
N LYS C 119 -1.19 -2.05 5.06
CA LYS C 119 -0.61 -3.23 4.38
C LYS C 119 0.83 -3.43 4.86
N ASN C 120 1.60 -2.37 5.06
CA ASN C 120 3.03 -2.56 5.42
C ASN C 120 3.13 -3.33 6.73
N ALA C 121 2.30 -2.96 7.72
CA ALA C 121 2.34 -3.59 9.06
C ALA C 121 2.01 -5.08 8.99
N LEU C 122 0.99 -5.46 8.22
CA LEU C 122 0.57 -6.87 8.19
C LEU C 122 1.49 -7.67 7.28
N LEU C 123 2.34 -7.03 6.48
CA LEU C 123 3.25 -7.71 5.51
C LEU C 123 3.92 -9.03 5.99
N SER C 124 4.00 -9.38 7.28
CA SER C 124 4.44 -10.66 7.82
C SER C 124 3.70 -11.09 9.09
N THR C 125 2.77 -10.30 9.60
CA THR C 125 2.05 -10.61 10.82
C THR C 125 0.55 -10.51 10.57
N ASN C 126 -0.20 -11.47 11.11
CA ASN C 126 -1.65 -11.46 10.96
C ASN C 126 -2.35 -10.51 11.91
N LYS C 127 -1.66 -10.03 12.94
CA LYS C 127 -2.27 -9.13 13.92
C LYS C 127 -1.19 -8.16 14.40
N ALA C 128 -1.22 -6.94 13.87
CA ALA C 128 -0.25 -5.91 14.23
C ALA C 128 -0.98 -4.61 14.54
N VAL C 129 -0.34 -3.77 15.34
CA VAL C 129 -0.89 -2.48 15.75
C VAL C 129 -0.30 -1.40 14.87
N VAL C 130 -1.16 -0.58 14.29
CA VAL C 130 -0.73 0.50 13.41
C VAL C 130 -1.13 1.83 14.04
N SER C 131 -0.54 2.91 13.51
CA SER C 131 -0.81 4.26 13.99
C SER C 131 -1.47 5.06 12.87
N LEU C 132 -2.57 5.73 13.21
CA LEU C 132 -3.31 6.51 12.22
C LEU C 132 -2.73 7.92 12.13
N SER C 133 -3.31 8.73 11.25
CA SER C 133 -2.85 10.11 11.09
C SER C 133 -3.20 10.98 12.29
N ASN C 134 -4.22 10.60 13.06
CA ASN C 134 -4.60 11.34 14.26
C ASN C 134 -3.82 10.89 15.49
N GLY C 135 -2.91 9.93 15.35
CA GLY C 135 -2.24 9.35 16.49
C GLY C 135 -3.04 8.28 17.20
N VAL C 136 -4.19 7.89 16.67
CA VAL C 136 -5.05 6.89 17.28
C VAL C 136 -4.50 5.52 16.98
N SER C 137 -4.25 4.73 18.02
CA SER C 137 -3.78 3.36 17.86
C SER C 137 -4.98 2.44 17.62
N VAL C 138 -4.94 1.71 16.50
CA VAL C 138 -6.03 0.83 16.10
C VAL C 138 -5.47 -0.55 15.81
N LEU C 139 -6.00 -1.57 16.49
CA LEU C 139 -5.62 -2.94 16.20
C LEU C 139 -6.02 -3.31 14.78
N THR C 140 -5.12 -3.97 14.07
CA THR C 140 -5.35 -4.37 12.69
C THR C 140 -5.23 -5.89 12.56
N PHE C 141 -6.19 -6.48 11.86
CA PHE C 141 -6.27 -7.93 11.74
C PHE C 141 -6.45 -8.29 10.28
N LYS C 142 -5.76 -9.34 9.84
CA LYS C 142 -5.88 -9.88 8.49
C LYS C 142 -6.47 -11.28 8.62
N VAL C 143 -7.74 -11.44 8.22
CA VAL C 143 -8.44 -12.70 8.46
C VAL C 143 -8.32 -13.64 7.27
N LEU C 144 -8.63 -13.17 6.07
CA LEU C 144 -8.72 -14.01 4.91
C LEU C 144 -7.75 -13.53 3.84
N ASP C 145 -7.00 -14.47 3.26
CA ASP C 145 -6.06 -14.17 2.18
C ASP C 145 -6.60 -14.82 0.91
N LEU C 146 -7.48 -14.11 0.22
CA LEU C 146 -8.01 -14.57 -1.06
C LEU C 146 -7.12 -14.20 -2.24
N LYS C 147 -6.33 -13.13 -2.12
CA LYS C 147 -5.37 -12.81 -3.16
C LYS C 147 -4.26 -13.86 -3.23
N ASN C 148 -3.81 -14.35 -2.09
CA ASN C 148 -2.76 -15.36 -2.07
C ASN C 148 -3.22 -16.65 -2.74
N TYR C 149 -4.45 -17.09 -2.43
CA TYR C 149 -4.97 -18.32 -3.03
C TYR C 149 -5.21 -18.17 -4.52
N ILE C 150 -5.85 -17.08 -4.94
CA ILE C 150 -6.26 -16.92 -6.33
C ILE C 150 -5.05 -16.74 -7.23
N ASN C 151 -4.08 -15.92 -6.82
CA ASN C 151 -2.93 -15.63 -7.68
C ASN C 151 -1.97 -16.80 -7.78
N ASN C 152 -1.84 -17.58 -6.70
CA ASN C 152 -0.84 -18.64 -6.65
C ASN C 152 -1.34 -19.97 -7.18
N ARG C 153 -2.56 -20.39 -6.80
CA ARG C 153 -3.04 -21.72 -7.12
C ARG C 153 -3.98 -21.76 -8.33
N LEU C 154 -4.84 -20.75 -8.48
CA LEU C 154 -5.86 -20.80 -9.52
C LEU C 154 -5.35 -20.22 -10.84
N LEU C 155 -4.86 -18.99 -10.82
CA LEU C 155 -4.47 -18.31 -12.06
C LEU C 155 -3.39 -19.04 -12.86
N PRO C 156 -2.30 -19.55 -12.27
CA PRO C 156 -1.26 -20.17 -13.11
C PRO C 156 -1.74 -21.32 -13.98
N ILE C 157 -2.71 -22.10 -13.52
CA ILE C 157 -3.16 -23.28 -14.24
C ILE C 157 -4.49 -23.03 -14.98
N LEU C 158 -5.00 -21.80 -14.96
CA LEU C 158 -6.24 -21.48 -15.65
C LEU C 158 -6.09 -20.42 -16.73
N ASN C 159 -5.34 -19.35 -16.48
CA ASN C 159 -5.31 -18.24 -17.42
C ASN C 159 -3.89 -17.96 -17.93
N GLN C 160 -2.87 -18.21 -17.10
CA GLN C 160 -1.50 -18.03 -17.58
C GLN C 160 -1.17 -19.03 -18.68
N GLN C 161 -1.86 -20.16 -18.73
CA GLN C 161 -1.74 -21.12 -19.82
C GLN C 161 -3.13 -21.63 -20.16
N SER C 162 -3.19 -22.54 -21.12
CA SER C 162 -4.45 -23.18 -21.46
C SER C 162 -5.02 -23.91 -20.24
N CYS C 163 -6.32 -23.79 -20.04
CA CYS C 163 -6.94 -24.24 -18.80
C CYS C 163 -6.97 -25.77 -18.72
N ARG C 164 -6.52 -26.29 -17.58
CA ARG C 164 -6.64 -27.71 -17.26
C ARG C 164 -6.47 -27.86 -15.76
N ILE C 165 -7.56 -28.17 -15.06
CA ILE C 165 -7.57 -28.28 -13.62
C ILE C 165 -7.58 -29.76 -13.25
N PRO C 166 -6.59 -30.25 -12.51
CA PRO C 166 -6.49 -31.70 -12.28
C PRO C 166 -7.13 -32.17 -10.98
N ASN C 167 -7.70 -31.26 -10.20
CA ASN C 167 -8.14 -31.62 -8.84
C ASN C 167 -9.54 -31.09 -8.61
N ILE C 168 -10.40 -31.91 -8.00
CA ILE C 168 -11.68 -31.43 -7.51
C ILE C 168 -11.55 -30.93 -6.08
N GLU C 169 -10.46 -31.30 -5.40
CA GLU C 169 -10.23 -30.84 -4.03
C GLU C 169 -10.11 -29.33 -3.96
N THR C 170 -9.37 -28.73 -4.90
CA THR C 170 -9.24 -27.29 -4.96
C THR C 170 -10.53 -26.60 -5.38
N VAL C 171 -11.43 -27.31 -6.07
CA VAL C 171 -12.74 -26.74 -6.37
C VAL C 171 -13.55 -26.60 -5.08
N ILE C 172 -13.58 -27.64 -4.26
CA ILE C 172 -14.29 -27.58 -2.98
C ILE C 172 -13.55 -26.67 -2.01
N GLU C 173 -12.22 -26.73 -2.00
CA GLU C 173 -11.45 -25.89 -1.10
C GLU C 173 -11.65 -24.41 -1.41
N PHE C 174 -11.66 -24.05 -2.69
CA PHE C 174 -12.00 -22.67 -3.06
C PHE C 174 -13.43 -22.32 -2.67
N GLN C 175 -14.36 -23.26 -2.87
CA GLN C 175 -15.76 -23.01 -2.52
C GLN C 175 -15.94 -22.74 -1.03
N GLN C 176 -15.10 -23.30 -0.18
CA GLN C 176 -15.23 -23.13 1.26
C GLN C 176 -14.58 -21.86 1.78
N MET C 177 -13.53 -21.37 1.13
CA MET C 177 -12.91 -20.12 1.53
C MET C 177 -13.56 -18.91 0.87
N ASN C 178 -13.95 -19.04 -0.40
CA ASN C 178 -14.71 -17.98 -1.05
C ASN C 178 -16.10 -17.85 -0.44
N SER C 179 -16.61 -18.90 0.22
CA SER C 179 -17.93 -18.84 0.82
C SER C 179 -18.04 -17.75 1.87
N ARG C 180 -17.02 -17.59 2.71
CA ARG C 180 -17.07 -16.56 3.74
C ARG C 180 -17.17 -15.17 3.11
N LEU C 181 -16.45 -14.93 2.01
CA LEU C 181 -16.56 -13.65 1.34
C LEU C 181 -17.97 -13.40 0.80
N LEU C 182 -18.60 -14.43 0.25
CA LEU C 182 -19.97 -14.27 -0.25
C LEU C 182 -20.95 -13.98 0.89
N GLU C 183 -20.77 -14.61 2.05
CA GLU C 183 -21.61 -14.28 3.19
C GLU C 183 -21.37 -12.88 3.72
N ILE C 184 -20.13 -12.42 3.76
CA ILE C 184 -19.85 -11.06 4.21
C ILE C 184 -20.53 -10.05 3.28
N THR C 185 -20.50 -10.29 1.98
CA THR C 185 -21.21 -9.43 1.03
C THR C 185 -22.70 -9.47 1.25
N ARG C 186 -23.25 -10.64 1.59
CA ARG C 186 -24.70 -10.78 1.76
C ARG C 186 -25.19 -10.02 2.98
N GLU C 187 -24.45 -10.05 4.09
CA GLU C 187 -24.84 -9.27 5.27
C GLU C 187 -24.60 -7.79 5.09
N PHE C 188 -23.66 -7.39 4.23
CA PHE C 188 -23.43 -5.98 3.96
C PHE C 188 -24.42 -5.39 2.98
N SER C 189 -24.77 -6.14 1.92
CA SER C 189 -25.72 -5.65 0.94
C SER C 189 -27.12 -5.51 1.51
N VAL C 190 -27.55 -6.46 2.35
CA VAL C 190 -28.88 -6.40 2.94
C VAL C 190 -28.97 -5.27 3.96
N ASN C 191 -27.96 -5.15 4.81
CA ASN C 191 -27.98 -4.17 5.89
C ASN C 191 -27.36 -2.83 5.51
N ALA C 192 -26.96 -2.67 4.24
CA ALA C 192 -26.43 -1.41 3.71
C ALA C 192 -25.14 -0.99 4.43
N GLY C 193 -24.28 -1.96 4.71
CA GLY C 193 -22.93 -1.69 5.17
C GLY C 193 -22.70 -1.79 6.66
N VAL C 194 -23.75 -1.75 7.47
CA VAL C 194 -23.63 -1.82 8.93
C VAL C 194 -24.36 -3.07 9.40
N THR C 195 -23.62 -4.00 9.99
CA THR C 195 -24.16 -5.30 10.39
C THR C 195 -24.08 -5.44 11.90
N THR C 196 -25.22 -5.73 12.53
CA THR C 196 -25.29 -6.09 13.93
C THR C 196 -26.48 -7.03 14.11
N PRO C 197 -26.38 -8.03 15.00
CA PRO C 197 -25.23 -8.39 15.86
C PRO C 197 -24.05 -8.95 15.06
N LEU C 198 -22.84 -8.84 15.60
CA LEU C 198 -21.66 -9.30 14.89
C LEU C 198 -21.76 -10.80 14.64
N SER C 199 -21.57 -11.21 13.39
CA SER C 199 -21.78 -12.59 13.00
C SER C 199 -20.50 -13.40 13.17
N THR C 200 -20.59 -14.69 12.88
CA THR C 200 -19.43 -15.57 12.85
C THR C 200 -18.60 -15.39 11.59
N TYR C 201 -19.23 -15.11 10.45
CA TYR C 201 -18.53 -14.90 9.19
C TYR C 201 -17.59 -13.70 9.24
N MET C 202 -18.03 -12.60 9.85
CA MET C 202 -17.16 -11.43 9.98
C MET C 202 -15.99 -11.73 10.91
N LEU C 203 -16.28 -12.29 12.08
CA LEU C 203 -15.27 -12.49 13.12
C LEU C 203 -15.61 -13.76 13.90
N THR C 204 -14.82 -14.81 13.70
CA THR C 204 -15.08 -16.08 14.35
C THR C 204 -14.75 -16.00 15.84
N ASN C 205 -15.18 -17.03 16.58
CA ASN C 205 -14.92 -17.09 18.02
C ASN C 205 -13.43 -17.21 18.31
N SER C 206 -12.69 -17.92 17.46
CA SER C 206 -11.24 -18.02 17.65
C SER C 206 -10.57 -16.66 17.53
N GLU C 207 -11.02 -15.82 16.60
CA GLU C 207 -10.42 -14.52 16.37
C GLU C 207 -11.14 -13.39 17.11
N LEU C 208 -12.11 -13.73 17.97
CA LEU C 208 -12.70 -12.75 18.87
C LEU C 208 -12.03 -12.73 20.23
N LEU C 209 -11.47 -13.85 20.68
CA LEU C 209 -10.69 -13.87 21.90
C LEU C 209 -9.29 -13.32 21.69
N SER C 210 -8.84 -13.18 20.44
CA SER C 210 -7.57 -12.53 20.17
C SER C 210 -7.68 -11.02 20.33
N LEU C 211 -8.79 -10.43 19.93
CA LEU C 211 -9.05 -9.01 20.18
C LEU C 211 -9.72 -8.77 21.52
N ILE C 212 -9.56 -9.67 22.48
CA ILE C 212 -9.90 -9.41 23.86
C ILE C 212 -8.66 -9.40 24.75
N ASN C 213 -7.74 -10.33 24.51
CA ASN C 213 -6.46 -10.35 25.20
C ASN C 213 -5.52 -9.26 24.71
N ASP C 214 -5.83 -8.61 23.59
CA ASP C 214 -5.01 -7.54 23.04
C ASP C 214 -5.63 -6.16 23.21
N MET C 215 -6.56 -6.02 24.15
CA MET C 215 -7.26 -4.77 24.35
C MET C 215 -6.65 -3.98 25.51
N PRO C 216 -6.74 -2.66 25.49
CA PRO C 216 -6.20 -1.84 26.59
C PRO C 216 -7.15 -1.79 27.78
N ILE C 217 -7.33 -2.94 28.43
CA ILE C 217 -8.18 -3.07 29.60
C ILE C 217 -7.47 -3.97 30.62
N THR C 218 -7.99 -3.97 31.84
CA THR C 218 -7.40 -4.76 32.90
C THR C 218 -7.66 -6.25 32.65
N ASN C 219 -6.91 -7.08 33.38
CA ASN C 219 -7.06 -8.53 33.27
C ASN C 219 -8.35 -9.04 33.91
N ASP C 220 -9.08 -8.19 34.64
CA ASP C 220 -10.36 -8.57 35.20
C ASP C 220 -11.52 -8.18 34.30
N GLN C 221 -11.32 -7.26 33.36
CA GLN C 221 -12.33 -6.98 32.35
C GLN C 221 -12.22 -7.89 31.14
N LYS C 222 -11.06 -8.52 30.93
CA LYS C 222 -10.94 -9.56 29.93
C LYS C 222 -11.49 -10.90 30.41
N LYS C 223 -11.82 -11.01 31.69
CA LYS C 223 -12.52 -12.17 32.22
C LYS C 223 -14.02 -12.07 32.00
N LEU C 224 -14.58 -10.86 32.03
CA LEU C 224 -16.01 -10.68 31.82
C LEU C 224 -16.40 -10.86 30.36
N MET C 225 -15.47 -10.60 29.44
CA MET C 225 -15.78 -10.67 28.01
C MET C 225 -15.32 -11.96 27.35
N SER C 226 -14.33 -12.65 27.91
CA SER C 226 -13.93 -13.94 27.37
C SER C 226 -14.86 -15.08 27.79
N SER C 227 -15.64 -14.89 28.85
CA SER C 227 -16.60 -15.88 29.29
C SER C 227 -18.01 -15.62 28.81
N ASN C 228 -18.25 -14.50 28.12
CA ASN C 228 -19.56 -14.09 27.63
C ASN C 228 -19.47 -13.71 26.16
N VAL C 229 -18.87 -14.59 25.37
CA VAL C 229 -18.66 -14.32 23.95
C VAL C 229 -19.98 -14.07 23.24
N GLN C 230 -21.02 -14.83 23.60
CA GLN C 230 -22.32 -14.68 22.95
C GLN C 230 -23.06 -13.42 23.34
N ILE C 231 -22.57 -12.65 24.31
CA ILE C 231 -23.20 -11.39 24.69
C ILE C 231 -22.39 -10.23 24.12
N VAL C 232 -21.10 -10.44 23.89
CA VAL C 232 -20.26 -9.39 23.34
C VAL C 232 -20.31 -9.43 21.83
N ARG C 233 -21.19 -10.27 21.29
CA ARG C 233 -21.47 -10.30 19.86
C ARG C 233 -22.78 -9.62 19.50
N GLN C 234 -23.73 -9.56 20.43
CA GLN C 234 -24.96 -8.79 20.22
C GLN C 234 -24.75 -7.30 20.46
N GLN C 235 -23.63 -6.92 21.07
CA GLN C 235 -23.32 -5.53 21.35
C GLN C 235 -22.11 -5.04 20.56
N SER C 236 -21.79 -5.74 19.48
CA SER C 236 -20.70 -5.35 18.59
C SER C 236 -21.30 -4.91 17.25
N TYR C 237 -20.44 -4.37 16.40
CA TYR C 237 -20.85 -3.84 15.10
C TYR C 237 -19.85 -4.24 14.04
N SER C 238 -20.16 -3.87 12.80
CA SER C 238 -19.27 -4.14 11.67
C SER C 238 -19.62 -3.14 10.58
N ILE C 239 -18.70 -2.22 10.30
CA ILE C 239 -18.93 -1.14 9.34
C ILE C 239 -17.99 -1.34 8.17
N MET C 240 -18.55 -1.42 6.97
CA MET C 240 -17.77 -1.51 5.74
C MET C 240 -17.09 -0.17 5.48
N CYS C 241 -15.79 -0.21 5.20
CA CYS C 241 -14.99 1.02 5.08
C CYS C 241 -14.56 1.32 3.66
N ILE C 242 -13.86 0.40 2.99
CA ILE C 242 -13.23 0.71 1.72
C ILE C 242 -12.86 -0.57 0.99
N ILE C 243 -12.73 -0.45 -0.34
CA ILE C 243 -12.01 -1.43 -1.16
C ILE C 243 -11.01 -0.60 -1.98
N LYS C 244 -9.80 -0.44 -1.46
CA LYS C 244 -8.80 0.39 -2.09
C LYS C 244 -7.47 -0.34 -2.08
N GLU C 245 -6.73 -0.23 -3.18
CA GLU C 245 -5.40 -0.83 -3.31
C GLU C 245 -5.46 -2.34 -3.06
N GLU C 246 -6.51 -2.99 -3.58
CA GLU C 246 -6.68 -4.44 -3.50
C GLU C 246 -6.75 -4.91 -2.05
N VAL C 247 -7.51 -4.20 -1.22
CA VAL C 247 -7.70 -4.56 0.18
C VAL C 247 -9.12 -4.20 0.58
N LEU C 248 -9.85 -5.16 1.14
CA LEU C 248 -11.18 -4.93 1.69
C LEU C 248 -11.07 -4.83 3.20
N ALA C 249 -11.45 -3.69 3.75
CA ALA C 249 -11.32 -3.42 5.19
C ALA C 249 -12.65 -3.02 5.77
N TYR C 250 -13.00 -3.63 6.91
CA TYR C 250 -14.16 -3.23 7.68
C TYR C 250 -13.78 -3.12 9.15
N VAL C 251 -14.51 -2.28 9.87
CA VAL C 251 -14.19 -1.94 11.26
C VAL C 251 -15.17 -2.66 12.17
N VAL C 252 -14.63 -3.30 13.21
CA VAL C 252 -15.43 -4.03 14.19
C VAL C 252 -15.30 -3.31 15.53
N GLN C 253 -16.44 -3.01 16.15
CA GLN C 253 -16.48 -2.22 17.38
C GLN C 253 -16.84 -3.12 18.56
N LEU C 254 -15.83 -3.74 19.15
CA LEU C 254 -16.07 -4.47 20.39
C LEU C 254 -16.17 -3.50 21.56
N PRO C 255 -17.03 -3.77 22.53
CA PRO C 255 -17.25 -2.83 23.63
C PRO C 255 -16.22 -2.97 24.75
N ILE C 256 -16.06 -1.87 25.47
CA ILE C 256 -15.20 -1.81 26.66
C ILE C 256 -16.10 -1.68 27.88
N TYR C 257 -15.96 -2.62 28.81
CA TYR C 257 -16.81 -2.64 30.01
C TYR C 257 -15.97 -2.11 31.18
N GLY C 258 -16.00 -0.80 31.36
CA GLY C 258 -15.26 -0.16 32.42
C GLY C 258 -15.90 -0.20 33.79
N VAL C 259 -17.10 -0.76 33.90
CA VAL C 259 -17.79 -0.83 35.17
C VAL C 259 -18.01 -2.29 35.58
#